data_3EUL
#
_entry.id   3EUL
#
_cell.length_a   85.532
_cell.length_b   90.038
_cell.length_c   126.336
_cell.angle_alpha   90.00
_cell.angle_beta   90.00
_cell.angle_gamma   90.00
#
_symmetry.space_group_name_H-M   'C 2 2 21'
#
loop_
_entity.id
_entity.type
_entity.pdbx_description
1 polymer 'POSSIBLE NITRATE/NITRITE RESPONSE TRANSCRIPTIONAL REGULATORY PROTEIN NARL (DNA-binding response regulator, LuxR family)'
2 non-polymer 'CHLORIDE ION'
3 water water
#
_entity_poly.entity_id   1
_entity_poly.type   'polypeptide(L)'
_entity_poly.pdbx_seq_one_letter_code
;MHHHHHHMSNPQPEKVRVVVGDDHPLFREGVVRALSLSGSVNVVGEADDGAAALELIKAHLPDVALLDYRMPGMDGAQVA
AAVRSYELPTRVLLISAHDEPAIVYQALQQGAAGFLLKDSTRTEIVKAVLDCAKGRDVVAPSLVGGLAGEIR
;
_entity_poly.pdbx_strand_id   A,B,C,D
#
loop_
_chem_comp.id
_chem_comp.type
_chem_comp.name
_chem_comp.formula
CL non-polymer 'CHLORIDE ION' 'Cl -1'
#
# COMPACT_ATOMS: atom_id res chain seq x y z
N GLU A 14 9.91 5.91 9.88
CA GLU A 14 8.89 5.21 9.02
C GLU A 14 8.49 5.62 7.57
N LYS A 15 7.63 6.63 7.37
CA LYS A 15 7.30 6.95 5.98
C LYS A 15 8.54 7.41 5.21
N VAL A 16 8.66 6.94 3.99
CA VAL A 16 9.70 7.42 3.05
C VAL A 16 9.45 8.89 2.79
N ARG A 17 10.51 9.70 2.88
CA ARG A 17 10.38 11.15 2.71
C ARG A 17 10.75 11.55 1.27
N VAL A 18 9.89 12.34 0.64
CA VAL A 18 10.03 12.72 -0.78
C VAL A 18 9.89 14.20 -1.08
N VAL A 19 10.74 14.70 -1.99
CA VAL A 19 10.52 15.98 -2.65
C VAL A 19 10.00 15.71 -4.07
N VAL A 20 8.92 16.40 -4.45
CA VAL A 20 8.32 16.32 -5.79
C VAL A 20 8.53 17.65 -6.53
N GLY A 21 8.98 17.58 -7.78
CA GLY A 21 9.24 18.76 -8.58
C GLY A 21 8.62 18.61 -9.95
N ASP A 22 7.79 19.60 -10.34
CA ASP A 22 7.16 19.65 -11.67
C ASP A 22 6.59 21.05 -11.81
N ASP A 23 6.72 21.63 -13.01
CA ASP A 23 6.16 22.96 -13.27
C ASP A 23 4.74 22.92 -13.81
N HIS A 24 4.16 21.72 -13.98
CA HIS A 24 2.72 21.60 -14.20
C HIS A 24 2.01 21.28 -12.89
N PRO A 25 1.29 22.27 -12.30
CA PRO A 25 0.61 22.15 -11.00
C PRO A 25 -0.25 20.89 -10.85
N LEU A 26 -1.09 20.62 -11.84
CA LEU A 26 -2.00 19.46 -11.77
C LEU A 26 -1.31 18.09 -11.84
N PHE A 27 -0.20 17.99 -12.58
CA PHE A 27 0.59 16.76 -12.50
C PHE A 27 1.26 16.63 -11.15
N ARG A 28 1.89 17.70 -10.67
CA ARG A 28 2.48 17.69 -9.33
C ARG A 28 1.46 17.34 -8.22
N GLU A 29 0.31 18.00 -8.24
CA GLU A 29 -0.76 17.70 -7.27
C GLU A 29 -1.17 16.22 -7.33
N GLY A 30 -1.20 15.69 -8.55
CA GLY A 30 -1.63 14.31 -8.78
C GLY A 30 -0.65 13.33 -8.19
N VAL A 31 0.65 13.61 -8.39
CA VAL A 31 1.71 12.80 -7.80
C VAL A 31 1.70 12.89 -6.25
N VAL A 32 1.59 14.10 -5.73
CA VAL A 32 1.62 14.31 -4.30
C VAL A 32 0.44 13.60 -3.65
N ARG A 33 -0.72 13.64 -4.28
CA ARG A 33 -1.88 12.92 -3.74
C ARG A 33 -1.70 11.41 -3.75
N ALA A 34 -1.26 10.86 -4.87
CA ALA A 34 -0.91 9.41 -4.97
C ALA A 34 0.04 8.97 -3.87
N LEU A 35 1.12 9.72 -3.67
CA LEU A 35 2.09 9.35 -2.65
C LEU A 35 1.49 9.47 -1.23
N SER A 36 0.84 10.59 -0.96
CA SER A 36 0.28 10.85 0.35
C SER A 36 -0.82 9.85 0.72
N LEU A 37 -1.66 9.52 -0.26
CA LEU A 37 -2.78 8.60 -0.04
C LEU A 37 -2.34 7.13 0.05
N SER A 38 -1.09 6.81 -0.32
CA SER A 38 -0.54 5.46 -0.17
C SER A 38 -0.44 5.09 1.31
N GLY A 39 -0.26 6.09 2.16
CA GLY A 39 0.02 5.86 3.59
C GLY A 39 1.49 5.57 3.90
N SER A 40 2.35 5.48 2.89
CA SER A 40 3.76 5.09 3.08
C SER A 40 4.79 6.18 2.73
N VAL A 41 4.30 7.36 2.37
CA VAL A 41 5.15 8.42 1.85
C VAL A 41 4.76 9.76 2.48
N ASN A 42 5.78 10.47 2.91
CA ASN A 42 5.68 11.82 3.42
C ASN A 42 6.36 12.75 2.38
N VAL A 43 5.54 13.53 1.69
CA VAL A 43 6.03 14.55 0.80
C VAL A 43 6.44 15.73 1.66
N VAL A 44 7.74 15.99 1.68
CA VAL A 44 8.29 17.00 2.57
C VAL A 44 8.51 18.31 1.88
N GLY A 45 8.43 18.32 0.54
CA GLY A 45 8.62 19.55 -0.22
C GLY A 45 8.19 19.39 -1.65
N GLU A 46 7.70 20.49 -2.25
CA GLU A 46 7.32 20.55 -3.65
C GLU A 46 7.97 21.75 -4.33
N ALA A 47 8.40 21.60 -5.57
CA ALA A 47 9.05 22.68 -6.32
C ALA A 47 8.47 22.73 -7.73
N ASP A 48 8.47 23.91 -8.33
CA ASP A 48 8.13 24.02 -9.74
C ASP A 48 9.29 24.47 -10.59
N ASP A 49 10.50 24.54 -10.02
CA ASP A 49 11.68 24.72 -10.86
C ASP A 49 12.89 24.02 -10.26
N GLY A 50 13.90 23.81 -11.10
CA GLY A 50 14.95 22.87 -10.71
C GLY A 50 15.83 23.39 -9.59
N ALA A 51 16.07 24.68 -9.56
CA ALA A 51 17.02 25.25 -8.59
C ALA A 51 16.39 25.16 -7.21
N ALA A 52 15.06 25.37 -7.16
CA ALA A 52 14.29 25.25 -5.97
C ALA A 52 14.22 23.79 -5.48
N ALA A 53 14.07 22.87 -6.42
CA ALA A 53 14.11 21.43 -6.12
C ALA A 53 15.43 21.06 -5.50
N LEU A 54 16.51 21.56 -6.05
CA LEU A 54 17.83 21.28 -5.48
C LEU A 54 17.98 21.83 -4.05
N GLU A 55 17.48 23.04 -3.83
CA GLU A 55 17.54 23.63 -2.53
C GLU A 55 16.71 22.86 -1.52
N LEU A 56 15.52 22.38 -1.91
CA LEU A 56 14.71 21.57 -1.03
C LEU A 56 15.39 20.26 -0.68
N ILE A 57 16.09 19.69 -1.67
CA ILE A 57 16.84 18.45 -1.45
C ILE A 57 17.95 18.71 -0.42
N LYS A 58 18.66 19.83 -0.56
CA LYS A 58 19.71 20.15 0.42
C LYS A 58 19.14 20.31 1.84
N ALA A 59 17.97 20.91 1.96
CA ALA A 59 17.38 21.18 3.27
C ALA A 59 16.73 19.95 3.91
N HIS A 60 15.95 19.22 3.13
CA HIS A 60 15.15 18.13 3.68
C HIS A 60 15.84 16.79 3.64
N LEU A 61 16.88 16.66 2.82
CA LEU A 61 17.64 15.40 2.68
C LEU A 61 16.64 14.24 2.55
N PRO A 62 15.80 14.32 1.54
CA PRO A 62 14.77 13.34 1.36
C PRO A 62 15.37 12.02 0.92
N ASP A 63 14.68 10.92 1.15
CA ASP A 63 15.09 9.60 0.67
C ASP A 63 15.09 9.58 -0.88
N VAL A 64 14.05 10.16 -1.47
CA VAL A 64 13.83 10.21 -2.91
C VAL A 64 13.37 11.62 -3.33
N ALA A 65 13.88 12.09 -4.46
CA ALA A 65 13.35 13.25 -5.11
C ALA A 65 12.71 12.74 -6.41
N LEU A 66 11.42 12.98 -6.60
CA LEU A 66 10.79 12.64 -7.88
C LEU A 66 10.57 13.88 -8.71
N LEU A 67 11.36 14.03 -9.78
CA LEU A 67 11.46 15.30 -10.50
C LEU A 67 11.18 15.19 -12.00
N ASP A 68 10.41 16.12 -12.53
CA ASP A 68 10.20 16.18 -13.97
C ASP A 68 11.55 16.36 -14.65
N TYR A 69 11.79 15.67 -15.75
CA TYR A 69 13.03 15.85 -16.48
C TYR A 69 13.20 17.32 -16.93
N ARG A 70 12.12 17.93 -17.39
CA ARG A 70 12.15 19.29 -17.91
C ARG A 70 11.67 20.35 -16.91
N MET A 71 12.27 20.38 -15.75
CA MET A 71 12.00 21.49 -14.85
C MET A 71 12.68 22.73 -15.40
N PRO A 72 12.05 23.91 -15.25
CA PRO A 72 12.73 25.14 -15.65
C PRO A 72 13.95 25.45 -14.78
N GLY A 73 14.90 26.17 -15.37
CA GLY A 73 16.06 26.75 -14.67
C GLY A 73 17.19 25.79 -14.48
N MET A 74 16.85 24.56 -14.18
CA MET A 74 17.85 23.52 -14.00
C MET A 74 17.07 22.23 -14.18
N ASP A 75 17.41 21.46 -15.20
CA ASP A 75 16.62 20.31 -15.55
C ASP A 75 16.85 19.17 -14.58
N GLY A 76 16.04 18.14 -14.69
CA GLY A 76 16.12 16.97 -13.78
C GLY A 76 17.48 16.28 -13.72
N ALA A 77 18.18 16.19 -14.84
CA ALA A 77 19.52 15.54 -14.87
C ALA A 77 20.60 16.40 -14.26
N GLN A 78 20.52 17.72 -14.47
CA GLN A 78 21.40 18.67 -13.80
C GLN A 78 21.24 18.61 -12.27
N VAL A 79 20.01 18.52 -11.80
CA VAL A 79 19.79 18.34 -10.37
C VAL A 79 20.35 17.02 -9.91
N ALA A 80 20.07 15.92 -10.64
CA ALA A 80 20.65 14.61 -10.29
C ALA A 80 22.19 14.64 -10.19
N ALA A 81 22.82 15.31 -11.15
CA ALA A 81 24.28 15.49 -11.17
C ALA A 81 24.82 16.21 -9.93
N ALA A 82 24.15 17.30 -9.57
CA ALA A 82 24.49 18.16 -8.47
C ALA A 82 24.34 17.40 -7.14
N VAL A 83 23.24 16.66 -6.97
CA VAL A 83 22.99 15.86 -5.76
C VAL A 83 24.09 14.81 -5.56
N ARG A 84 24.42 14.08 -6.61
CA ARG A 84 25.54 13.15 -6.59
C ARG A 84 26.87 13.90 -6.30
N SER A 85 27.13 15.02 -6.98
CA SER A 85 28.36 15.82 -6.73
C SER A 85 28.49 16.27 -5.28
N TYR A 86 27.39 16.71 -4.68
CA TYR A 86 27.31 17.07 -3.25
C TYR A 86 27.33 15.88 -2.30
N GLU A 87 27.28 14.66 -2.84
CA GLU A 87 27.23 13.44 -2.05
C GLU A 87 26.07 13.41 -1.07
N LEU A 88 24.92 13.93 -1.48
CA LEU A 88 23.71 13.85 -0.66
C LEU A 88 23.12 12.42 -0.70
N PRO A 89 22.45 11.99 0.37
CA PRO A 89 21.92 10.63 0.37
C PRO A 89 20.71 10.41 -0.56
N THR A 90 20.18 11.48 -1.11
CA THR A 90 18.95 11.43 -1.89
C THR A 90 19.09 10.72 -3.22
N ARG A 91 18.14 9.84 -3.54
CA ARG A 91 18.06 9.23 -4.89
C ARG A 91 17.13 10.05 -5.73
N VAL A 92 17.58 10.45 -6.92
CA VAL A 92 16.78 11.29 -7.79
C VAL A 92 16.14 10.45 -8.91
N LEU A 93 14.82 10.32 -8.84
CA LEU A 93 14.02 9.58 -9.82
C LEU A 93 13.43 10.59 -10.78
N LEU A 94 13.69 10.44 -12.07
CA LEU A 94 13.13 11.40 -13.04
C LEU A 94 11.86 10.83 -13.68
N ILE A 95 10.99 11.72 -14.08
CA ILE A 95 9.78 11.36 -14.79
C ILE A 95 9.63 12.32 -15.97
N SER A 96 9.15 11.82 -17.10
CA SER A 96 9.00 12.68 -18.25
C SER A 96 7.98 12.15 -19.25
N ALA A 97 7.46 13.06 -20.05
CA ALA A 97 6.73 12.69 -21.25
C ALA A 97 7.67 12.33 -22.43
N HIS A 98 8.96 12.71 -22.38
CA HIS A 98 9.99 12.32 -23.39
C HIS A 98 10.60 10.99 -22.97
N ASP A 99 10.74 10.02 -23.87
CA ASP A 99 11.48 8.80 -23.50
C ASP A 99 12.55 8.37 -24.49
N GLU A 100 13.21 9.33 -25.12
CA GLU A 100 14.21 9.03 -26.13
C GLU A 100 15.45 8.35 -25.52
N PRO A 101 15.94 7.31 -26.22
CA PRO A 101 17.08 6.56 -25.70
C PRO A 101 18.28 7.41 -25.21
N ALA A 102 18.80 8.33 -26.00
CA ALA A 102 20.00 9.07 -25.58
C ALA A 102 19.75 9.98 -24.38
N ILE A 103 18.52 10.46 -24.25
CA ILE A 103 18.14 11.31 -23.11
C ILE A 103 18.07 10.53 -21.80
N VAL A 104 17.42 9.38 -21.85
CA VAL A 104 17.41 8.49 -20.68
C VAL A 104 18.83 8.08 -20.29
N TYR A 105 19.60 7.60 -21.28
CA TYR A 105 20.95 7.16 -21.03
C TYR A 105 21.82 8.26 -20.41
N GLN A 106 21.73 9.47 -20.95
CA GLN A 106 22.55 10.58 -20.45
C GLN A 106 22.15 10.99 -19.03
N ALA A 107 20.85 10.94 -18.75
CA ALA A 107 20.36 11.23 -17.41
C ALA A 107 20.85 10.23 -16.38
N LEU A 108 20.83 8.94 -16.74
CA LEU A 108 21.36 7.88 -15.87
C LEU A 108 22.86 8.02 -15.68
N GLN A 109 23.55 8.41 -16.73
CA GLN A 109 24.96 8.75 -16.65
C GLN A 109 25.21 9.92 -15.70
N GLN A 110 24.32 10.92 -15.64
CA GLN A 110 24.44 12.08 -14.71
C GLN A 110 23.99 11.73 -13.24
N GLY A 111 23.58 10.49 -13.00
CA GLY A 111 23.34 10.01 -11.66
C GLY A 111 21.89 9.86 -11.27
N ALA A 112 20.97 9.94 -12.24
CA ALA A 112 19.54 9.66 -11.97
C ALA A 112 19.38 8.22 -11.58
N ALA A 113 18.61 7.98 -10.53
CA ALA A 113 18.36 6.63 -10.03
C ALA A 113 17.39 5.85 -10.92
N GLY A 114 16.65 6.53 -11.77
CA GLY A 114 15.69 5.86 -12.61
C GLY A 114 15.02 6.90 -13.44
N PHE A 115 14.21 6.46 -14.39
CA PHE A 115 13.61 7.31 -15.38
C PHE A 115 12.25 6.72 -15.74
N LEU A 116 11.20 7.43 -15.40
CA LEU A 116 9.83 6.93 -15.50
C LEU A 116 9.10 7.78 -16.53
N LEU A 117 8.02 7.23 -17.08
CA LEU A 117 7.18 7.94 -18.03
C LEU A 117 5.95 8.51 -17.38
N LYS A 118 5.42 9.61 -17.92
CA LYS A 118 4.26 10.26 -17.30
C LYS A 118 2.96 9.46 -17.47
N ASP A 119 2.99 8.39 -18.27
CA ASP A 119 1.82 7.49 -18.36
C ASP A 119 1.75 6.46 -17.23
N SER A 120 2.65 6.56 -16.26
CA SER A 120 2.60 5.69 -15.09
C SER A 120 1.30 5.83 -14.31
N THR A 121 0.85 4.71 -13.75
CA THR A 121 -0.32 4.69 -12.90
C THR A 121 0.01 5.13 -11.49
N ARG A 122 -1.05 5.38 -10.73
CA ARG A 122 -0.95 5.68 -9.30
C ARG A 122 -0.10 4.64 -8.55
N THR A 123 -0.40 3.35 -8.71
CA THR A 123 0.34 2.33 -7.95
C THR A 123 1.76 2.16 -8.49
N GLU A 124 1.94 2.29 -9.80
CA GLU A 124 3.28 2.27 -10.42
C GLU A 124 4.24 3.33 -9.85
N ILE A 125 3.77 4.57 -9.67
CA ILE A 125 4.63 5.64 -9.14
C ILE A 125 4.94 5.45 -7.68
N VAL A 126 3.94 5.03 -6.90
CA VAL A 126 4.18 4.74 -5.50
C VAL A 126 5.23 3.65 -5.42
N LYS A 127 5.03 2.56 -6.16
CA LYS A 127 5.97 1.46 -6.12
C LYS A 127 7.39 1.87 -6.58
N ALA A 128 7.47 2.66 -7.63
CA ALA A 128 8.77 3.20 -8.10
C ALA A 128 9.48 4.00 -7.03
N VAL A 129 8.75 4.87 -6.35
CA VAL A 129 9.34 5.67 -5.26
C VAL A 129 9.80 4.79 -4.09
N LEU A 130 8.93 3.87 -3.67
CA LEU A 130 9.25 2.97 -2.58
C LEU A 130 10.43 2.03 -2.91
N ASP A 131 10.46 1.50 -4.13
CA ASP A 131 11.56 0.61 -4.56
C ASP A 131 12.89 1.38 -4.64
N CYS A 132 12.81 2.61 -5.11
CA CYS A 132 13.97 3.48 -5.20
C CYS A 132 14.54 3.77 -3.82
N ALA A 133 13.68 4.12 -2.89
CA ALA A 133 14.10 4.34 -1.50
C ALA A 133 14.75 3.09 -0.87
N LYS A 134 14.28 1.91 -1.27
CA LYS A 134 14.78 0.64 -0.74
C LYS A 134 16.11 0.19 -1.33
N GLY A 135 16.39 0.64 -2.55
CA GLY A 135 17.34 -0.12 -3.39
C GLY A 135 17.40 0.45 -4.80
N ARG A 136 16.80 -0.26 -5.76
CA ARG A 136 16.30 0.30 -7.03
C ARG A 136 15.03 -0.49 -7.27
N PRO B 13 -29.76 -22.33 3.29
CA PRO B 13 -29.77 -21.01 3.92
C PRO B 13 -28.53 -20.22 3.50
N GLU B 14 -28.45 -19.87 2.21
CA GLU B 14 -27.20 -19.50 1.54
C GLU B 14 -26.30 -18.55 2.34
N LYS B 15 -25.04 -18.93 2.44
CA LYS B 15 -24.06 -18.16 3.15
C LYS B 15 -23.69 -16.97 2.27
N VAL B 16 -23.22 -15.88 2.88
CA VAL B 16 -22.71 -14.71 2.14
C VAL B 16 -21.47 -15.19 1.38
N ARG B 17 -21.38 -14.85 0.11
CA ARG B 17 -20.24 -15.27 -0.68
C ARG B 17 -19.20 -14.16 -0.70
N VAL B 18 -17.95 -14.49 -0.44
CA VAL B 18 -16.93 -13.43 -0.26
C VAL B 18 -15.64 -13.74 -1.01
N VAL B 19 -15.05 -12.72 -1.61
CA VAL B 19 -13.69 -12.74 -2.16
C VAL B 19 -12.81 -11.96 -1.19
N VAL B 20 -11.65 -12.55 -0.83
CA VAL B 20 -10.67 -11.97 0.10
C VAL B 20 -9.40 -11.68 -0.69
N GLY B 21 -8.80 -10.50 -0.45
CA GLY B 21 -7.62 -10.12 -1.20
C GLY B 21 -6.62 -9.42 -0.30
N ASP B 22 -5.37 -9.87 -0.34
CA ASP B 22 -4.25 -9.30 0.45
C ASP B 22 -2.98 -9.94 -0.09
N ASP B 23 -1.90 -9.18 -0.29
CA ASP B 23 -0.60 -9.78 -0.71
C ASP B 23 0.21 -10.36 0.49
N HIS B 24 -0.39 -10.23 1.65
CA HIS B 24 0.18 -10.71 2.88
C HIS B 24 -0.45 -12.05 3.25
N PRO B 25 0.26 -13.15 2.99
CA PRO B 25 -0.35 -14.48 3.10
C PRO B 25 -1.06 -14.77 4.44
N LEU B 26 -0.38 -14.51 5.55
CA LEU B 26 -0.91 -14.87 6.86
C LEU B 26 -2.07 -13.99 7.30
N PHE B 27 -2.03 -12.70 6.99
CA PHE B 27 -3.18 -11.86 7.26
C PHE B 27 -4.38 -12.35 6.46
N ARG B 28 -4.16 -12.72 5.21
CA ARG B 28 -5.26 -13.23 4.42
C ARG B 28 -5.80 -14.53 5.01
N GLU B 29 -4.90 -15.41 5.47
CA GLU B 29 -5.31 -16.68 6.10
C GLU B 29 -6.17 -16.39 7.32
N GLY B 30 -5.79 -15.36 8.07
CA GLY B 30 -6.53 -14.95 9.25
C GLY B 30 -7.95 -14.58 8.90
N VAL B 31 -8.11 -13.75 7.87
CA VAL B 31 -9.44 -13.42 7.42
C VAL B 31 -10.24 -14.64 7.00
N VAL B 32 -9.62 -15.55 6.27
CA VAL B 32 -10.32 -16.74 5.78
C VAL B 32 -10.75 -17.61 6.98
N ARG B 33 -9.88 -17.72 7.97
CA ARG B 33 -10.25 -18.45 9.20
C ARG B 33 -11.49 -17.88 9.88
N ALA B 34 -11.46 -16.57 10.13
CA ALA B 34 -12.58 -15.86 10.77
C ALA B 34 -13.88 -16.09 10.01
N LEU B 35 -13.86 -15.86 8.70
CA LEU B 35 -15.09 -16.02 7.92
C LEU B 35 -15.61 -17.46 7.82
N SER B 36 -14.72 -18.39 7.47
CA SER B 36 -15.03 -19.82 7.29
C SER B 36 -15.61 -20.48 8.52
N LEU B 37 -15.01 -20.18 9.67
CA LEU B 37 -15.46 -20.67 10.97
C LEU B 37 -16.80 -20.07 11.44
N SER B 38 -17.27 -18.99 10.79
CA SER B 38 -18.51 -18.35 11.22
C SER B 38 -19.72 -19.24 11.04
N GLY B 39 -19.71 -20.07 10.01
CA GLY B 39 -20.88 -20.77 9.51
C GLY B 39 -21.77 -19.93 8.57
N SER B 40 -21.49 -18.65 8.43
CA SER B 40 -22.38 -17.77 7.66
C SER B 40 -21.77 -17.28 6.36
N VAL B 41 -20.49 -17.56 6.14
CA VAL B 41 -19.76 -17.06 4.97
C VAL B 41 -19.09 -18.15 4.17
N ASN B 42 -19.17 -18.02 2.84
CA ASN B 42 -18.44 -18.91 1.93
C ASN B 42 -17.39 -18.07 1.26
N VAL B 43 -16.11 -18.36 1.51
CA VAL B 43 -15.02 -17.69 0.83
C VAL B 43 -14.85 -18.38 -0.51
N VAL B 44 -15.17 -17.65 -1.58
CA VAL B 44 -15.23 -18.22 -2.90
C VAL B 44 -13.98 -17.97 -3.71
N GLY B 45 -13.13 -17.03 -3.28
CA GLY B 45 -11.88 -16.80 -3.97
C GLY B 45 -10.94 -16.02 -3.07
N GLU B 46 -9.64 -16.24 -3.28
CA GLU B 46 -8.57 -15.55 -2.56
C GLU B 46 -7.59 -14.96 -3.55
N ALA B 47 -7.31 -13.67 -3.43
CA ALA B 47 -6.49 -12.96 -4.39
C ALA B 47 -5.28 -12.41 -3.67
N ASP B 48 -4.14 -12.33 -4.33
CA ASP B 48 -3.01 -11.70 -3.65
C ASP B 48 -2.53 -10.42 -4.32
N ASP B 49 -3.28 -9.95 -5.29
CA ASP B 49 -3.12 -8.60 -5.76
C ASP B 49 -4.45 -8.06 -6.29
N GLY B 50 -4.44 -6.78 -6.63
CA GLY B 50 -5.64 -6.04 -6.95
C GLY B 50 -6.20 -6.44 -8.30
N ALA B 51 -5.35 -6.68 -9.31
CA ALA B 51 -5.92 -7.10 -10.61
C ALA B 51 -6.62 -8.45 -10.51
N ALA B 52 -6.07 -9.32 -9.67
CA ALA B 52 -6.66 -10.62 -9.42
C ALA B 52 -7.94 -10.49 -8.61
N ALA B 53 -7.96 -9.55 -7.66
CA ALA B 53 -9.17 -9.30 -6.86
C ALA B 53 -10.33 -8.85 -7.74
N LEU B 54 -10.04 -7.94 -8.67
CA LEU B 54 -11.08 -7.50 -9.57
C LEU B 54 -11.54 -8.66 -10.48
N GLU B 55 -10.61 -9.46 -10.98
CA GLU B 55 -11.00 -10.60 -11.82
C GLU B 55 -11.90 -11.60 -11.09
N LEU B 56 -11.55 -11.92 -9.84
CA LEU B 56 -12.38 -12.84 -9.05
C LEU B 56 -13.74 -12.27 -8.74
N ILE B 57 -13.82 -10.96 -8.54
CA ILE B 57 -15.07 -10.29 -8.36
C ILE B 57 -15.90 -10.41 -9.63
N LYS B 58 -15.31 -10.13 -10.79
CA LYS B 58 -16.05 -10.32 -12.04
C LYS B 58 -16.53 -11.75 -12.28
N ALA B 59 -15.70 -12.72 -11.93
CA ALA B 59 -15.97 -14.14 -12.15
C ALA B 59 -17.00 -14.74 -11.20
N HIS B 60 -16.88 -14.42 -9.92
CA HIS B 60 -17.68 -15.04 -8.88
C HIS B 60 -18.92 -14.23 -8.48
N LEU B 61 -18.93 -12.93 -8.78
CA LEU B 61 -19.98 -12.02 -8.36
C LEU B 61 -20.28 -12.17 -6.89
N PRO B 62 -19.27 -12.03 -6.03
CA PRO B 62 -19.51 -12.26 -4.63
C PRO B 62 -20.37 -11.13 -4.06
N ASP B 63 -21.00 -11.41 -2.93
CA ASP B 63 -21.85 -10.43 -2.26
C ASP B 63 -20.96 -9.33 -1.71
N VAL B 64 -19.80 -9.75 -1.19
CA VAL B 64 -18.83 -8.83 -0.54
C VAL B 64 -17.41 -9.22 -0.92
N ALA B 65 -16.57 -8.21 -1.20
CA ALA B 65 -15.11 -8.40 -1.32
C ALA B 65 -14.45 -7.69 -0.13
N LEU B 66 -13.62 -8.41 0.61
CA LEU B 66 -12.87 -7.89 1.74
C LEU B 66 -11.42 -7.82 1.31
N LEU B 67 -10.99 -6.60 1.00
CA LEU B 67 -9.71 -6.38 0.34
C LEU B 67 -8.82 -5.44 1.11
N ASP B 68 -7.53 -5.72 1.07
CA ASP B 68 -6.54 -4.82 1.67
C ASP B 68 -6.57 -3.54 0.86
N TYR B 69 -6.51 -2.39 1.52
CA TYR B 69 -6.35 -1.14 0.82
C TYR B 69 -5.13 -1.13 -0.11
N ARG B 70 -3.96 -1.55 0.38
CA ARG B 70 -2.72 -1.52 -0.40
C ARG B 70 -2.35 -2.80 -1.15
N MET B 71 -3.24 -3.27 -1.99
CA MET B 71 -2.89 -4.36 -2.85
C MET B 71 -2.01 -3.91 -4.02
N PRO B 72 -1.05 -4.75 -4.44
CA PRO B 72 -0.26 -4.40 -5.61
C PRO B 72 -1.06 -4.39 -6.91
N GLY B 73 -0.61 -3.58 -7.86
CA GLY B 73 -1.15 -3.53 -9.21
C GLY B 73 -2.31 -2.57 -9.36
N MET B 74 -3.19 -2.63 -8.37
CA MET B 74 -4.43 -1.88 -8.34
C MET B 74 -4.85 -1.85 -6.87
N ASP B 75 -4.88 -0.67 -6.26
CA ASP B 75 -5.21 -0.60 -4.82
C ASP B 75 -6.71 -0.87 -4.59
N GLY B 76 -7.07 -1.11 -3.32
CA GLY B 76 -8.47 -1.43 -2.89
C GLY B 76 -9.48 -0.41 -3.35
N ALA B 77 -9.15 0.87 -3.25
CA ALA B 77 -10.06 1.93 -3.73
C ALA B 77 -10.22 1.91 -5.26
N GLN B 78 -9.14 1.66 -6.00
CA GLN B 78 -9.24 1.46 -7.45
C GLN B 78 -10.10 0.24 -7.85
N VAL B 79 -9.99 -0.83 -7.08
CA VAL B 79 -10.84 -2.00 -7.31
C VAL B 79 -12.32 -1.66 -7.00
N ALA B 80 -12.59 -0.96 -5.90
CA ALA B 80 -13.94 -0.44 -5.61
C ALA B 80 -14.54 0.42 -6.73
N ALA B 81 -13.74 1.33 -7.26
CA ALA B 81 -14.17 2.23 -8.34
C ALA B 81 -14.45 1.47 -9.63
N ALA B 82 -13.66 0.44 -9.91
CA ALA B 82 -13.86 -0.38 -11.10
C ALA B 82 -15.11 -1.25 -10.98
N VAL B 83 -15.33 -1.87 -9.80
CA VAL B 83 -16.59 -2.59 -9.52
C VAL B 83 -17.83 -1.74 -9.72
N ARG B 84 -17.74 -0.49 -9.26
CA ARG B 84 -18.81 0.47 -9.40
C ARG B 84 -19.04 0.82 -10.86
N SER B 85 -17.97 1.08 -11.62
CA SER B 85 -18.15 1.44 -13.03
C SER B 85 -18.57 0.25 -13.89
N TYR B 86 -18.32 -0.97 -13.42
CA TYR B 86 -18.81 -2.15 -14.13
C TYR B 86 -20.22 -2.48 -13.71
N GLU B 87 -20.73 -1.81 -12.68
CA GLU B 87 -22.06 -2.04 -12.13
C GLU B 87 -22.27 -3.44 -11.59
N LEU B 88 -21.23 -4.00 -10.98
CA LEU B 88 -21.32 -5.30 -10.36
C LEU B 88 -22.03 -5.18 -9.01
N PRO B 89 -22.72 -6.24 -8.59
CA PRO B 89 -23.48 -6.17 -7.33
C PRO B 89 -22.61 -6.21 -6.07
N THR B 90 -21.34 -6.51 -6.23
CA THR B 90 -20.44 -6.70 -5.10
C THR B 90 -20.16 -5.40 -4.35
N ARG B 91 -20.26 -5.48 -3.03
CA ARG B 91 -19.90 -4.40 -2.13
C ARG B 91 -18.49 -4.63 -1.70
N VAL B 92 -17.65 -3.60 -1.87
CA VAL B 92 -16.22 -3.70 -1.59
C VAL B 92 -15.85 -3.10 -0.23
N LEU B 93 -15.48 -3.95 0.71
CA LEU B 93 -15.10 -3.53 2.04
C LEU B 93 -13.59 -3.50 2.06
N LEU B 94 -13.00 -2.41 2.52
CA LEU B 94 -11.57 -2.35 2.56
C LEU B 94 -11.08 -2.50 3.98
N ILE B 95 -9.86 -2.99 4.10
CA ILE B 95 -9.21 -3.19 5.41
C ILE B 95 -7.76 -2.74 5.31
N SER B 96 -7.23 -2.09 6.34
CA SER B 96 -5.87 -1.56 6.26
C SER B 96 -5.32 -1.16 7.62
N ALA B 97 -4.01 -1.18 7.74
CA ALA B 97 -3.33 -0.58 8.89
C ALA B 97 -3.20 0.95 8.73
N HIS B 98 -3.53 1.49 7.55
CA HIS B 98 -3.48 2.94 7.32
C HIS B 98 -4.82 3.57 7.74
N ASP B 99 -4.74 4.43 8.74
CA ASP B 99 -5.89 4.90 9.47
C ASP B 99 -6.27 6.34 9.07
N GLU B 100 -5.46 6.99 8.22
CA GLU B 100 -5.61 8.44 8.04
C GLU B 100 -6.96 8.90 7.45
N PRO B 101 -7.55 9.96 8.03
CA PRO B 101 -8.85 10.41 7.57
C PRO B 101 -8.99 10.54 6.04
N ALA B 102 -7.99 11.10 5.36
CA ALA B 102 -8.18 11.40 3.94
C ALA B 102 -8.15 10.13 3.10
N ILE B 103 -7.42 9.12 3.56
CA ILE B 103 -7.41 7.78 2.97
C ILE B 103 -8.79 7.13 3.04
N VAL B 104 -9.38 7.12 4.23
CA VAL B 104 -10.74 6.59 4.38
C VAL B 104 -11.70 7.38 3.56
N TYR B 105 -11.65 8.70 3.67
CA TYR B 105 -12.56 9.54 2.92
C TYR B 105 -12.46 9.24 1.44
N GLN B 106 -11.25 9.07 0.91
CA GLN B 106 -11.12 8.90 -0.55
C GLN B 106 -11.48 7.49 -1.02
N ALA B 107 -11.30 6.52 -0.14
CA ALA B 107 -11.82 5.18 -0.42
C ALA B 107 -13.31 5.17 -0.53
N LEU B 108 -14.01 5.88 0.35
CA LEU B 108 -15.46 5.98 0.25
C LEU B 108 -15.91 6.78 -0.96
N GLN B 109 -15.21 7.85 -1.31
CA GLN B 109 -15.52 8.58 -2.55
C GLN B 109 -15.38 7.71 -3.80
N GLN B 110 -14.47 6.76 -3.78
CA GLN B 110 -14.22 5.87 -4.90
C GLN B 110 -15.10 4.59 -4.90
N GLY B 111 -16.04 4.47 -3.96
CA GLY B 111 -17.08 3.45 -4.05
C GLY B 111 -16.96 2.36 -3.00
N ALA B 112 -15.98 2.46 -2.11
CA ALA B 112 -15.84 1.43 -1.06
C ALA B 112 -17.06 1.46 -0.16
N ALA B 113 -17.52 0.28 0.26
CA ALA B 113 -18.74 0.19 1.09
C ALA B 113 -18.38 0.39 2.54
N GLY B 114 -17.12 0.26 2.88
CA GLY B 114 -16.69 0.36 4.27
C GLY B 114 -15.21 0.32 4.31
N PHE B 115 -14.67 0.65 5.48
CA PHE B 115 -13.25 0.71 5.71
C PHE B 115 -12.99 0.22 7.15
N LEU B 116 -12.24 -0.86 7.29
CA LEU B 116 -11.95 -1.48 8.57
C LEU B 116 -10.48 -1.36 8.90
N LEU B 117 -10.15 -1.42 10.18
CA LEU B 117 -8.75 -1.42 10.57
C LEU B 117 -8.24 -2.85 10.63
N LYS B 118 -6.97 -3.00 10.27
CA LYS B 118 -6.37 -4.32 10.20
C LYS B 118 -6.25 -4.97 11.56
N ASP B 119 -6.40 -4.17 12.62
CA ASP B 119 -6.37 -4.69 13.98
C ASP B 119 -7.73 -5.18 14.51
N SER B 120 -8.72 -5.36 13.63
CA SER B 120 -10.02 -5.94 13.97
C SER B 120 -9.98 -7.40 14.47
N THR B 121 -10.95 -7.76 15.32
CA THR B 121 -11.05 -9.10 15.88
C THR B 121 -11.85 -10.02 14.99
N ARG B 122 -11.86 -11.30 15.34
CA ARG B 122 -12.59 -12.31 14.60
C ARG B 122 -14.05 -11.96 14.46
N THR B 123 -14.73 -11.74 15.58
CA THR B 123 -16.17 -11.44 15.52
C THR B 123 -16.43 -10.07 14.86
N GLU B 124 -15.54 -9.11 15.04
CA GLU B 124 -15.63 -7.79 14.37
C GLU B 124 -15.65 -7.87 12.85
N ILE B 125 -14.89 -8.81 12.32
CA ILE B 125 -14.77 -8.95 10.86
C ILE B 125 -15.96 -9.72 10.29
N VAL B 126 -16.40 -10.75 10.99
CA VAL B 126 -17.57 -11.47 10.56
C VAL B 126 -18.80 -10.56 10.60
N LYS B 127 -18.91 -9.71 11.61
CA LYS B 127 -20.06 -8.78 11.71
C LYS B 127 -20.06 -7.75 10.58
N ALA B 128 -18.89 -7.24 10.27
CA ALA B 128 -18.73 -6.25 9.24
C ALA B 128 -19.07 -6.79 7.85
N VAL B 129 -18.61 -8.00 7.54
CA VAL B 129 -18.94 -8.65 6.29
C VAL B 129 -20.45 -8.90 6.14
N LEU B 130 -21.05 -9.42 7.20
CA LEU B 130 -22.46 -9.77 7.14
C LEU B 130 -23.31 -8.50 7.13
N ASP B 131 -22.90 -7.49 7.87
CA ASP B 131 -23.63 -6.20 7.88
C ASP B 131 -23.57 -5.57 6.49
N CYS B 132 -22.38 -5.60 5.90
CA CYS B 132 -22.15 -5.04 4.57
C CYS B 132 -23.05 -5.73 3.55
N ALA B 133 -23.08 -7.05 3.61
CA ALA B 133 -23.90 -7.85 2.72
C ALA B 133 -25.39 -7.50 2.80
N LYS B 134 -25.88 -7.25 4.02
CA LYS B 134 -27.28 -6.86 4.24
C LYS B 134 -27.57 -5.42 3.83
N GLY B 135 -26.52 -4.69 3.47
CA GLY B 135 -26.68 -3.36 2.92
C GLY B 135 -26.40 -2.22 3.90
N ARG B 136 -25.92 -2.57 5.10
CA ARG B 136 -25.37 -1.64 6.11
C ARG B 136 -25.53 -2.21 7.52
N LYS C 15 2.54 -34.45 17.60
CA LYS C 15 2.40 -32.99 17.19
C LYS C 15 3.20 -32.05 18.05
N VAL C 16 3.94 -31.16 17.40
CA VAL C 16 4.66 -30.10 18.07
C VAL C 16 3.65 -29.18 18.73
N ARG C 17 3.87 -28.86 20.01
CA ARG C 17 2.93 -28.03 20.77
C ARG C 17 3.41 -26.58 20.84
N VAL C 18 2.54 -25.65 20.48
CA VAL C 18 2.96 -24.27 20.24
C VAL C 18 2.09 -23.29 20.98
N VAL C 19 2.73 -22.31 21.58
CA VAL C 19 2.05 -21.09 22.00
C VAL C 19 2.34 -20.03 20.96
N VAL C 20 1.28 -19.30 20.59
CA VAL C 20 1.38 -18.18 19.68
C VAL C 20 1.16 -16.89 20.47
N GLY C 21 2.12 -15.97 20.35
CA GLY C 21 2.03 -14.64 20.95
C GLY C 21 1.97 -13.56 19.87
N ASP C 22 0.97 -12.69 19.95
CA ASP C 22 0.87 -11.58 19.02
C ASP C 22 -0.30 -10.70 19.38
N ASP C 23 -0.09 -9.40 19.37
CA ASP C 23 -1.12 -8.41 19.72
C ASP C 23 -1.99 -8.01 18.52
N HIS C 24 -1.78 -8.67 17.37
CA HIS C 24 -2.61 -8.45 16.19
C HIS C 24 -3.51 -9.68 15.97
N PRO C 25 -4.84 -9.53 16.18
CA PRO C 25 -5.74 -10.68 16.19
C PRO C 25 -5.77 -11.46 14.89
N LEU C 26 -5.89 -10.77 13.75
CA LEU C 26 -6.03 -11.52 12.48
C LEU C 26 -4.71 -12.11 12.02
N PHE C 27 -3.61 -11.43 12.31
CA PHE C 27 -2.35 -12.04 11.97
C PHE C 27 -2.21 -13.30 12.80
N ARG C 28 -2.51 -13.21 14.08
CA ARG C 28 -2.50 -14.38 14.96
C ARG C 28 -3.43 -15.50 14.51
N GLU C 29 -4.69 -15.17 14.18
CA GLU C 29 -5.61 -16.16 13.58
C GLU C 29 -5.00 -16.88 12.34
N GLY C 30 -4.27 -16.13 11.52
CA GLY C 30 -3.66 -16.69 10.30
C GLY C 30 -2.57 -17.70 10.60
N VAL C 31 -1.77 -17.39 11.62
CA VAL C 31 -0.76 -18.32 12.13
C VAL C 31 -1.44 -19.58 12.65
N VAL C 32 -2.54 -19.42 13.39
CA VAL C 32 -3.25 -20.56 13.97
C VAL C 32 -3.89 -21.40 12.90
N ARG C 33 -4.43 -20.77 11.86
CA ARG C 33 -4.95 -21.54 10.74
C ARG C 33 -3.83 -22.35 10.07
N ALA C 34 -2.70 -21.70 9.82
CA ALA C 34 -1.52 -22.34 9.16
C ALA C 34 -0.99 -23.54 9.93
N LEU C 35 -0.87 -23.39 11.25
CA LEU C 35 -0.34 -24.44 12.09
C LEU C 35 -1.33 -25.55 12.36
N SER C 36 -2.56 -25.18 12.66
CA SER C 36 -3.58 -26.14 13.04
C SER C 36 -4.02 -27.01 11.87
N LEU C 37 -3.94 -26.49 10.65
CA LEU C 37 -4.25 -27.26 9.45
C LEU C 37 -3.02 -28.04 8.89
N SER C 38 -1.86 -27.81 9.47
CA SER C 38 -0.61 -28.52 9.09
C SER C 38 -0.69 -30.02 9.29
N GLY C 39 -1.41 -30.42 10.33
CA GLY C 39 -1.46 -31.79 10.76
C GLY C 39 -0.20 -32.20 11.49
N SER C 40 0.69 -31.23 11.74
CA SER C 40 1.99 -31.42 12.37
C SER C 40 2.12 -30.62 13.67
N VAL C 41 1.18 -29.72 13.94
CA VAL C 41 1.27 -28.77 15.07
C VAL C 41 -0.04 -28.70 15.87
N ASN C 42 0.12 -28.50 17.17
CA ASN C 42 -0.95 -28.40 18.14
C ASN C 42 -0.81 -27.05 18.89
N VAL C 43 -1.69 -26.10 18.59
CA VAL C 43 -1.63 -24.78 19.25
C VAL C 43 -2.25 -24.94 20.62
N VAL C 44 -1.44 -24.78 21.67
CA VAL C 44 -1.94 -25.03 23.03
C VAL C 44 -2.27 -23.76 23.81
N GLY C 45 -2.02 -22.60 23.22
CA GLY C 45 -2.35 -21.34 23.86
C GLY C 45 -2.10 -20.19 22.90
N GLU C 46 -2.85 -19.11 23.09
CA GLU C 46 -2.70 -17.90 22.30
C GLU C 46 -2.68 -16.69 23.22
N ALA C 47 -1.66 -15.85 23.09
CA ALA C 47 -1.53 -14.69 23.98
C ALA C 47 -1.44 -13.41 23.15
N ASP C 48 -1.96 -12.31 23.69
CA ASP C 48 -1.83 -11.03 23.01
C ASP C 48 -0.90 -10.06 23.74
N ASP C 49 -0.10 -10.58 24.67
CA ASP C 49 0.94 -9.79 25.32
C ASP C 49 2.00 -10.73 25.89
N GLY C 50 3.20 -10.21 26.09
CA GLY C 50 4.34 -11.05 26.47
C GLY C 50 4.22 -11.71 27.81
N ALA C 51 3.61 -11.01 28.77
CA ALA C 51 3.41 -11.57 30.12
C ALA C 51 2.48 -12.79 30.06
N ALA C 52 1.36 -12.64 29.36
CA ALA C 52 0.44 -13.76 29.09
C ALA C 52 1.16 -14.87 28.34
N ALA C 53 1.91 -14.49 27.31
CA ALA C 53 2.71 -15.42 26.52
C ALA C 53 3.60 -16.25 27.43
N LEU C 54 4.34 -15.57 28.32
CA LEU C 54 5.18 -16.26 29.28
C LEU C 54 4.30 -17.11 30.19
N GLU C 55 3.24 -16.49 30.72
CA GLU C 55 2.29 -17.20 31.60
C GLU C 55 1.82 -18.51 30.97
N LEU C 56 1.50 -18.45 29.67
CA LEU C 56 1.09 -19.65 28.95
C LEU C 56 2.22 -20.63 28.72
N ILE C 57 3.40 -20.11 28.42
CA ILE C 57 4.59 -20.95 28.23
C ILE C 57 4.95 -21.68 29.53
N LYS C 58 4.89 -20.96 30.65
CA LYS C 58 5.09 -21.57 31.97
C LYS C 58 4.03 -22.64 32.26
N ALA C 59 2.76 -22.30 32.00
CA ALA C 59 1.65 -23.21 32.32
C ALA C 59 1.64 -24.46 31.45
N HIS C 60 1.90 -24.29 30.16
CA HIS C 60 1.69 -25.35 29.19
C HIS C 60 2.98 -26.10 28.79
N LEU C 61 4.12 -25.38 28.84
CA LEU C 61 5.40 -26.03 28.52
C LEU C 61 5.40 -26.55 27.06
N PRO C 62 5.16 -25.65 26.10
CA PRO C 62 5.11 -25.98 24.67
C PRO C 62 6.52 -26.21 24.10
N ASP C 63 6.63 -26.90 22.98
CA ASP C 63 7.93 -27.13 22.34
C ASP C 63 8.47 -25.85 21.71
N VAL C 64 7.56 -25.03 21.17
CA VAL C 64 7.92 -23.81 20.45
C VAL C 64 7.00 -22.68 20.90
N ALA C 65 7.57 -21.49 21.03
CA ALA C 65 6.82 -20.26 21.18
C ALA C 65 7.03 -19.48 19.89
N LEU C 66 5.95 -19.13 19.21
CA LEU C 66 6.06 -18.28 18.01
C LEU C 66 5.46 -16.96 18.42
N LEU C 67 6.33 -15.98 18.65
CA LEU C 67 5.95 -14.72 19.27
C LEU C 67 6.41 -13.58 18.40
N ASP C 68 5.59 -12.53 18.38
CA ASP C 68 5.89 -11.30 17.69
C ASP C 68 7.03 -10.60 18.41
N TYR C 69 7.95 -10.01 17.64
CA TYR C 69 9.10 -9.29 18.20
C TYR C 69 8.66 -8.17 19.17
N ARG C 70 7.68 -7.38 18.74
CA ARG C 70 7.22 -6.24 19.54
C ARG C 70 5.90 -6.56 20.24
N MET C 71 5.94 -7.42 21.25
CA MET C 71 4.73 -7.70 22.01
C MET C 71 4.56 -6.65 23.10
N PRO C 72 3.30 -6.21 23.36
CA PRO C 72 3.00 -5.29 24.46
C PRO C 72 3.31 -5.86 25.84
N GLY C 73 3.75 -5.01 26.75
CA GLY C 73 4.16 -5.44 28.07
C GLY C 73 5.58 -5.95 28.04
N MET C 74 5.73 -7.25 27.76
CA MET C 74 7.02 -7.89 27.64
C MET C 74 7.22 -8.19 26.15
N ASP C 75 8.31 -7.72 25.56
CA ASP C 75 8.52 -7.95 24.13
C ASP C 75 9.07 -9.36 23.88
N GLY C 76 9.04 -9.78 22.60
CA GLY C 76 9.46 -11.11 22.20
C GLY C 76 10.83 -11.53 22.72
N ALA C 77 11.80 -10.62 22.60
CA ALA C 77 13.17 -10.88 23.05
C ALA C 77 13.28 -11.07 24.56
N GLN C 78 12.51 -10.29 25.32
CA GLN C 78 12.49 -10.39 26.77
C GLN C 78 11.90 -11.73 27.25
N VAL C 79 10.91 -12.23 26.51
CA VAL C 79 10.32 -13.52 26.83
C VAL C 79 11.32 -14.64 26.58
N ALA C 80 12.11 -14.52 25.52
CA ALA C 80 13.18 -15.48 25.25
C ALA C 80 14.09 -15.60 26.48
N ALA C 81 14.65 -14.47 26.91
CA ALA C 81 15.57 -14.42 28.06
C ALA C 81 14.99 -15.03 29.37
N ALA C 82 13.63 -14.81 29.52
CA ALA C 82 12.90 -15.35 30.66
C ALA C 82 12.77 -16.87 30.59
N VAL C 83 12.35 -17.36 29.43
CA VAL C 83 12.20 -18.80 29.17
C VAL C 83 13.54 -19.50 29.37
N ARG C 84 14.59 -18.89 28.85
CA ARG C 84 15.95 -19.38 29.03
C ARG C 84 16.40 -19.40 30.49
N SER C 85 16.04 -18.36 31.26
CA SER C 85 16.44 -18.28 32.68
C SER C 85 15.75 -19.35 33.50
N TYR C 86 14.48 -19.62 33.19
CA TYR C 86 13.77 -20.72 33.84
C TYR C 86 14.22 -22.08 33.29
N GLU C 87 15.21 -22.07 32.39
CA GLU C 87 15.75 -23.28 31.77
C GLU C 87 14.63 -24.13 31.16
N LEU C 88 13.65 -23.44 30.57
CA LEU C 88 12.47 -24.10 30.02
C LEU C 88 12.79 -24.81 28.71
N PRO C 89 12.11 -25.92 28.43
CA PRO C 89 12.40 -26.65 27.19
C PRO C 89 12.07 -25.81 25.94
N THR C 90 11.11 -24.89 26.08
CA THR C 90 10.49 -24.18 24.96
C THR C 90 11.44 -23.32 24.15
N ARG C 91 11.39 -23.49 22.83
CA ARG C 91 12.21 -22.71 21.91
C ARG C 91 11.38 -21.56 21.36
N VAL C 92 11.96 -20.38 21.37
CA VAL C 92 11.26 -19.14 21.08
C VAL C 92 11.64 -18.65 19.71
N LEU C 93 10.67 -18.67 18.81
CA LEU C 93 10.86 -18.27 17.44
C LEU C 93 10.23 -16.89 17.32
N LEU C 94 11.02 -15.90 16.89
CA LEU C 94 10.53 -14.53 16.82
C LEU C 94 10.11 -14.16 15.40
N ILE C 95 9.08 -13.34 15.31
CA ILE C 95 8.55 -12.93 14.03
C ILE C 95 8.26 -11.42 14.03
N SER C 96 8.65 -10.73 12.96
CA SER C 96 8.44 -9.29 12.85
C SER C 96 8.16 -8.85 11.41
N ALA C 97 7.47 -7.72 11.27
CA ALA C 97 7.33 -7.09 9.97
C ALA C 97 8.63 -6.42 9.55
N HIS C 98 9.53 -6.18 10.51
CA HIS C 98 10.79 -5.45 10.29
C HIS C 98 12.03 -6.33 10.48
N ASP C 99 12.90 -6.31 9.49
CA ASP C 99 14.08 -7.18 9.45
C ASP C 99 15.41 -6.45 9.75
N GLU C 100 15.36 -5.36 10.50
CA GLU C 100 16.58 -4.61 10.82
C GLU C 100 17.64 -5.52 11.49
N PRO C 101 18.84 -5.62 10.88
CA PRO C 101 19.96 -6.45 11.37
C PRO C 101 20.27 -6.34 12.87
N ALA C 102 20.22 -5.13 13.42
CA ALA C 102 20.45 -4.93 14.86
C ALA C 102 19.40 -5.67 15.68
N ILE C 103 18.14 -5.39 15.39
CA ILE C 103 17.00 -6.11 15.99
C ILE C 103 17.21 -7.61 15.90
N VAL C 104 17.42 -8.08 14.67
CA VAL C 104 17.63 -9.50 14.41
C VAL C 104 18.82 -10.03 15.21
N TYR C 105 19.90 -9.26 15.23
CA TYR C 105 21.10 -9.64 16.00
C TYR C 105 20.78 -9.72 17.50
N GLN C 106 20.14 -8.67 18.02
CA GLN C 106 19.87 -8.56 19.45
C GLN C 106 18.83 -9.55 19.95
N ALA C 107 17.92 -9.97 19.07
CA ALA C 107 16.95 -11.00 19.42
C ALA C 107 17.67 -12.31 19.75
N LEU C 108 18.67 -12.65 18.95
CA LEU C 108 19.48 -13.84 19.19
C LEU C 108 20.25 -13.74 20.51
N GLN C 109 20.74 -12.53 20.82
CA GLN C 109 21.49 -12.31 22.06
C GLN C 109 20.68 -12.71 23.29
N GLN C 110 19.40 -12.32 23.32
CA GLN C 110 18.54 -12.60 24.47
C GLN C 110 18.06 -14.07 24.49
N GLY C 111 18.36 -14.81 23.43
CA GLY C 111 18.15 -16.25 23.40
C GLY C 111 16.95 -16.67 22.58
N ALA C 112 16.69 -15.96 21.48
CA ALA C 112 15.67 -16.37 20.52
C ALA C 112 16.21 -17.53 19.70
N ALA C 113 15.40 -18.57 19.53
CA ALA C 113 15.74 -19.71 18.68
C ALA C 113 15.89 -19.30 17.21
N GLY C 114 15.18 -18.25 16.79
CA GLY C 114 15.17 -17.86 15.38
C GLY C 114 14.34 -16.63 15.10
N PHE C 115 14.45 -16.13 13.87
CA PHE C 115 13.77 -14.92 13.43
C PHE C 115 13.09 -15.16 12.08
N LEU C 116 11.82 -14.77 11.97
CA LEU C 116 11.07 -14.89 10.72
C LEU C 116 10.45 -13.56 10.36
N LEU C 117 10.13 -13.41 9.08
CA LEU C 117 9.36 -12.24 8.64
C LEU C 117 7.88 -12.56 8.57
N LYS C 118 7.07 -11.51 8.70
CA LYS C 118 5.62 -11.65 8.76
C LYS C 118 5.00 -11.89 7.39
N ASP C 119 5.66 -11.47 6.31
CA ASP C 119 5.17 -11.80 4.96
C ASP C 119 5.45 -13.27 4.57
N SER C 120 5.93 -14.08 5.52
CA SER C 120 6.04 -15.54 5.34
C SER C 120 4.78 -16.21 4.77
N THR C 121 4.99 -17.19 3.90
CA THR C 121 3.90 -18.02 3.44
C THR C 121 3.48 -19.02 4.53
N ARG C 122 2.31 -19.57 4.34
CA ARG C 122 1.75 -20.61 5.20
C ARG C 122 2.71 -21.80 5.25
N THR C 123 3.20 -22.21 4.09
CA THR C 123 4.12 -23.33 4.04
C THR C 123 5.41 -23.01 4.80
N GLU C 124 5.93 -21.79 4.65
CA GLU C 124 7.13 -21.38 5.40
C GLU C 124 6.92 -21.39 6.90
N ILE C 125 5.77 -20.91 7.38
CA ILE C 125 5.58 -20.81 8.83
C ILE C 125 5.59 -22.19 9.49
N VAL C 126 4.92 -23.15 8.85
CA VAL C 126 4.83 -24.52 9.35
C VAL C 126 6.23 -25.13 9.34
N LYS C 127 6.97 -24.98 8.23
CA LYS C 127 8.36 -25.46 8.16
C LYS C 127 9.27 -24.84 9.22
N ALA C 128 9.18 -23.53 9.40
CA ALA C 128 9.95 -22.81 10.42
C ALA C 128 9.74 -23.37 11.82
N VAL C 129 8.48 -23.62 12.17
CA VAL C 129 8.11 -24.15 13.49
C VAL C 129 8.65 -25.55 13.74
N LEU C 130 8.57 -26.41 12.73
CA LEU C 130 8.99 -27.81 12.84
C LEU C 130 10.51 -27.94 12.90
N ASP C 131 11.21 -27.11 12.13
CA ASP C 131 12.66 -27.06 12.20
C ASP C 131 13.06 -26.62 13.58
N CYS C 132 12.42 -25.58 14.07
CA CYS C 132 12.66 -25.10 15.43
C CYS C 132 12.50 -26.23 16.46
N ALA C 133 11.40 -26.98 16.37
CA ALA C 133 11.06 -28.01 17.35
C ALA C 133 12.18 -29.05 17.52
N LYS C 134 12.93 -29.29 16.45
CA LYS C 134 14.21 -29.98 16.56
C LYS C 134 15.19 -29.11 17.33
N VAL D 19 -16.39 15.39 -18.40
CA VAL D 19 -15.62 14.34 -19.17
C VAL D 19 -14.16 14.78 -19.41
N VAL D 20 -13.24 14.06 -18.75
CA VAL D 20 -11.82 14.40 -18.81
C VAL D 20 -11.10 13.33 -19.63
N GLY D 21 -10.18 13.76 -20.50
CA GLY D 21 -9.46 12.85 -21.40
C GLY D 21 -7.96 13.12 -21.42
N ASP D 22 -7.16 12.12 -21.02
CA ASP D 22 -5.71 12.25 -20.95
C ASP D 22 -5.10 10.87 -20.76
N ASP D 23 -3.95 10.60 -21.37
CA ASP D 23 -3.32 9.28 -21.19
C ASP D 23 -2.24 9.27 -20.12
N HIS D 24 -2.07 10.41 -19.43
CA HIS D 24 -1.24 10.49 -18.24
C HIS D 24 -2.19 10.37 -17.07
N PRO D 25 -2.28 9.18 -16.44
CA PRO D 25 -3.20 8.94 -15.33
C PRO D 25 -3.15 9.99 -14.20
N LEU D 26 -1.94 10.42 -13.82
CA LEU D 26 -1.79 11.35 -12.68
C LEU D 26 -2.16 12.78 -13.01
N PHE D 27 -1.98 13.22 -14.25
CA PHE D 27 -2.55 14.50 -14.64
C PHE D 27 -4.06 14.47 -14.56
N ARG D 28 -4.62 13.39 -15.08
CA ARG D 28 -6.04 13.23 -15.05
C ARG D 28 -6.52 13.12 -13.60
N GLU D 29 -5.75 12.45 -12.74
CA GLU D 29 -6.04 12.45 -11.30
C GLU D 29 -5.92 13.89 -10.74
N GLY D 30 -4.80 14.56 -11.03
CA GLY D 30 -4.63 15.95 -10.65
C GLY D 30 -5.82 16.78 -11.09
N VAL D 31 -6.18 16.67 -12.36
CA VAL D 31 -7.35 17.42 -12.90
C VAL D 31 -8.64 17.07 -12.16
N VAL D 32 -8.94 15.79 -12.02
CA VAL D 32 -10.20 15.39 -11.36
C VAL D 32 -10.20 15.79 -9.87
N ARG D 33 -9.03 15.80 -9.26
CA ARG D 33 -8.90 16.24 -7.86
C ARG D 33 -9.24 17.72 -7.70
N ALA D 34 -8.63 18.56 -8.55
CA ALA D 34 -8.92 20.01 -8.61
C ALA D 34 -10.42 20.30 -8.82
N LEU D 35 -11.04 19.54 -9.72
CA LEU D 35 -12.46 19.67 -10.04
C LEU D 35 -13.32 19.18 -8.89
N SER D 36 -12.89 18.10 -8.24
CA SER D 36 -13.60 17.59 -7.07
C SER D 36 -13.59 18.59 -5.90
N LEU D 37 -12.51 19.35 -5.74
CA LEU D 37 -12.37 20.36 -4.66
C LEU D 37 -13.23 21.61 -4.88
N SER D 38 -13.51 21.93 -6.15
CA SER D 38 -14.35 23.09 -6.50
C SER D 38 -15.70 23.09 -5.77
N GLY D 39 -16.31 21.92 -5.67
CA GLY D 39 -17.69 21.78 -5.23
C GLY D 39 -18.66 21.94 -6.39
N SER D 40 -18.18 22.47 -7.51
CA SER D 40 -19.01 22.85 -8.65
C SER D 40 -19.05 21.78 -9.73
N VAL D 41 -18.01 20.95 -9.78
CA VAL D 41 -17.84 20.01 -10.88
C VAL D 41 -18.13 18.57 -10.46
N ASN D 42 -18.71 17.81 -11.40
CA ASN D 42 -18.90 16.37 -11.25
C ASN D 42 -18.29 15.66 -12.47
N VAL D 43 -17.15 15.01 -12.27
CA VAL D 43 -16.48 14.24 -13.33
C VAL D 43 -17.27 12.95 -13.63
N VAL D 44 -18.09 13.02 -14.69
CA VAL D 44 -18.95 11.91 -15.10
C VAL D 44 -18.22 10.75 -15.78
N GLY D 45 -16.99 10.98 -16.25
CA GLY D 45 -16.23 9.91 -16.89
C GLY D 45 -14.83 10.32 -17.35
N GLU D 46 -13.92 9.34 -17.29
CA GLU D 46 -12.53 9.57 -17.65
C GLU D 46 -12.17 8.72 -18.87
N ALA D 47 -11.22 9.19 -19.67
CA ALA D 47 -10.82 8.53 -20.93
C ALA D 47 -9.31 8.67 -21.19
N ASP D 48 -8.72 7.66 -21.81
CA ASP D 48 -7.28 7.68 -22.12
C ASP D 48 -6.92 7.38 -23.58
N ASP D 49 -7.92 7.31 -24.46
CA ASP D 49 -7.72 7.01 -25.89
C ASP D 49 -8.15 8.20 -26.74
N PRO D 62 -20.04 16.30 -21.08
CA PRO D 62 -21.29 16.75 -21.68
C PRO D 62 -21.49 18.25 -21.54
N ASP D 63 -21.37 18.78 -20.32
CA ASP D 63 -21.27 20.24 -20.15
C ASP D 63 -20.01 20.65 -20.90
N VAL D 64 -18.89 20.06 -20.50
CA VAL D 64 -17.59 20.39 -21.03
C VAL D 64 -16.81 19.11 -21.27
N ALA D 65 -16.10 19.07 -22.41
CA ALA D 65 -15.13 18.01 -22.73
C ALA D 65 -13.69 18.55 -22.65
N LEU D 66 -13.00 18.26 -21.56
CA LEU D 66 -11.65 18.76 -21.29
C LEU D 66 -10.65 17.70 -21.74
N LEU D 67 -10.03 17.91 -22.90
CA LEU D 67 -9.29 16.86 -23.57
C LEU D 67 -7.84 17.24 -23.84
N ASP D 68 -6.94 16.28 -23.62
CA ASP D 68 -5.53 16.44 -23.94
C ASP D 68 -5.37 16.53 -25.46
N TYR D 69 -4.54 17.46 -25.90
CA TYR D 69 -4.31 17.70 -27.32
C TYR D 69 -3.90 16.40 -27.98
N ARG D 70 -2.81 15.81 -27.50
CA ARG D 70 -2.28 14.59 -28.13
C ARG D 70 -2.62 13.32 -27.35
N MET D 71 -3.89 12.95 -27.38
CA MET D 71 -4.32 11.63 -26.89
C MET D 71 -4.00 10.58 -27.95
N PRO D 72 -3.83 9.32 -27.53
CA PRO D 72 -3.62 8.21 -28.46
C PRO D 72 -4.84 7.93 -29.34
N VAL D 92 -15.70 21.52 -26.61
CA VAL D 92 -14.48 20.79 -26.31
C VAL D 92 -13.27 21.69 -26.04
N LEU D 93 -12.77 21.60 -24.81
CA LEU D 93 -11.63 22.38 -24.36
C LEU D 93 -10.38 21.53 -24.44
N LEU D 94 -9.37 22.01 -25.14
CA LEU D 94 -8.13 21.26 -25.28
C LEU D 94 -7.07 21.76 -24.31
N ILE D 95 -6.34 20.83 -23.73
CA ILE D 95 -5.23 21.18 -22.85
C ILE D 95 -3.96 20.57 -23.41
N SER D 96 -2.88 21.35 -23.39
CA SER D 96 -1.65 20.88 -23.98
C SER D 96 -0.44 21.30 -23.17
N ALA D 97 0.55 20.42 -23.16
CA ALA D 97 1.89 20.73 -22.68
C ALA D 97 2.54 21.71 -23.64
N HIS D 98 2.12 21.65 -24.90
CA HIS D 98 2.65 22.49 -25.99
C HIS D 98 1.95 23.84 -26.07
N ASP D 99 2.73 24.89 -26.33
CA ASP D 99 2.19 26.19 -26.70
C ASP D 99 2.83 26.65 -28.01
N GLN D 110 -9.93 24.36 -35.90
CA GLN D 110 -10.66 23.09 -35.85
C GLN D 110 -11.85 23.09 -34.87
N GLY D 111 -12.25 24.26 -34.39
CA GLY D 111 -13.46 24.39 -33.58
C GLY D 111 -13.39 23.81 -32.18
N ALA D 112 -12.27 24.06 -31.48
CA ALA D 112 -12.21 23.78 -30.05
C ALA D 112 -12.83 24.97 -29.31
N ALA D 113 -13.47 24.69 -28.18
CA ALA D 113 -14.03 25.73 -27.30
C ALA D 113 -12.92 26.63 -26.75
N GLY D 114 -11.77 26.04 -26.51
CA GLY D 114 -10.61 26.80 -26.11
C GLY D 114 -9.41 25.90 -26.08
N PHE D 115 -8.28 26.47 -25.70
CA PHE D 115 -7.01 25.77 -25.66
C PHE D 115 -6.27 26.24 -24.42
N LEU D 116 -6.01 25.31 -23.50
CA LEU D 116 -5.29 25.58 -22.26
C LEU D 116 -3.92 24.99 -22.28
N LEU D 117 -3.06 25.53 -21.42
CA LEU D 117 -1.71 25.03 -21.21
C LEU D 117 -1.67 24.23 -19.93
N LYS D 118 -0.90 23.13 -19.94
CA LYS D 118 -0.80 22.23 -18.76
C LYS D 118 -0.08 22.84 -17.56
N ASP D 119 0.53 24.00 -17.72
CA ASP D 119 1.02 24.76 -16.56
C ASP D 119 -0.10 25.56 -15.86
N SER D 120 -1.35 25.35 -16.26
CA SER D 120 -2.50 26.00 -15.62
C SER D 120 -2.72 25.50 -14.19
N THR D 121 -3.05 26.42 -13.30
CA THR D 121 -3.31 26.12 -11.89
C THR D 121 -4.66 25.44 -11.66
N ARG D 122 -4.83 24.83 -10.48
CA ARG D 122 -6.17 24.44 -9.97
C ARG D 122 -7.20 25.47 -10.42
N THR D 123 -7.06 26.70 -9.90
CA THR D 123 -8.07 27.73 -10.11
C THR D 123 -8.27 28.06 -11.59
N GLU D 124 -7.17 28.08 -12.36
CA GLU D 124 -7.24 28.43 -13.79
C GLU D 124 -8.09 27.46 -14.62
N ILE D 125 -7.91 26.17 -14.39
CA ILE D 125 -8.62 25.13 -15.14
C ILE D 125 -10.10 25.05 -14.77
N VAL D 126 -10.40 25.31 -13.50
CA VAL D 126 -11.78 25.35 -13.04
C VAL D 126 -12.52 26.45 -13.81
N LYS D 127 -12.08 27.70 -13.63
CA LYS D 127 -12.67 28.82 -14.36
C LYS D 127 -12.86 28.47 -15.82
N ALA D 128 -11.82 27.94 -16.44
CA ALA D 128 -11.85 27.49 -17.83
C ALA D 128 -13.07 26.62 -18.11
N VAL D 129 -13.27 25.59 -17.30
CA VAL D 129 -14.38 24.65 -17.47
C VAL D 129 -15.73 25.34 -17.38
N LEU D 130 -15.87 26.24 -16.39
CA LEU D 130 -17.12 26.99 -16.16
C LEU D 130 -17.47 27.93 -17.31
N ASP D 131 -16.46 28.62 -17.83
CA ASP D 131 -16.67 29.61 -18.88
C ASP D 131 -16.73 28.93 -20.25
CL CL E . -9.13 -22.47 10.14
#